data_2QCG
#
_entry.id   2QCG
#
_cell.length_a   69.184
_cell.length_b   61.699
_cell.length_c   69.169
_cell.angle_alpha   90.00
_cell.angle_beta   113.06
_cell.angle_gamma   90.00
#
_symmetry.space_group_name_H-M   'P 1 21 1'
#
loop_
_entity.id
_entity.type
_entity.pdbx_description
1 polymer "Uridine 5'-monophosphate synthase (UMP synthase)"
2 non-polymer "5-BROMO-URIDINE-5'-MONOPHOSPHATE"
3 water water
#
_entity_poly.entity_id   1
_entity_poly.type   'polypeptide(L)'
_entity_poly.pdbx_seq_one_letter_code
;GAMELSFGARAELPRIHPVASKLLRLMQKKETNLCLSADVSLARELLQLADALGPSICMLKTHVDILNDFTLDVMKELIT
LAKCHEFLIFEDRKFADIGNTVKKQYEGGIFKIASWADLVNAHVVPGSGVVKGLQEVGLPLHRGCLLIAEMSSTGSLATG
DYTRAAVRMAEEHSEFVVGFISGSRVSMKPEFLHLTPGVQLEAGGDNLGQQYNSPQEVIGKRGSDIIIVGRGIISAADRL
EAAEMYRKAAWEAYLSRLGV
;
_entity_poly.pdbx_strand_id   A,B
#
# COMPACT_ATOMS: atom_id res chain seq x y z
N ALA A 2 14.25 -28.85 18.77
CA ALA A 2 13.31 -28.83 17.61
C ALA A 2 12.12 -29.76 17.89
N MET A 3 10.94 -29.29 17.51
CA MET A 3 9.67 -30.01 17.70
C MET A 3 8.60 -28.94 17.78
N GLU A 4 7.38 -29.26 17.37
CA GLU A 4 6.31 -28.28 17.40
C GLU A 4 5.94 -27.84 18.82
N LEU A 5 6.09 -26.54 19.11
CA LEU A 5 5.77 -25.98 20.42
C LEU A 5 4.38 -25.35 20.44
N SER A 6 3.68 -25.45 21.56
CA SER A 6 2.35 -24.88 21.65
C SER A 6 2.44 -23.35 21.55
N PHE A 7 1.28 -22.72 21.41
CA PHE A 7 1.18 -21.26 21.33
C PHE A 7 1.65 -20.67 22.66
N GLY A 8 1.25 -21.32 23.75
CA GLY A 8 1.63 -20.87 25.08
C GLY A 8 3.13 -20.92 25.34
N ALA A 9 3.81 -21.96 24.84
CA ALA A 9 5.24 -22.10 25.01
C ALA A 9 6.00 -21.14 24.11
N ARG A 10 5.48 -20.92 22.90
CA ARG A 10 6.14 -20.00 22.00
C ARG A 10 6.08 -18.58 22.57
N ALA A 11 5.02 -18.31 23.34
CA ALA A 11 4.84 -16.99 23.95
C ALA A 11 5.95 -16.66 24.96
N GLU A 12 6.64 -17.68 25.46
CA GLU A 12 7.70 -17.48 26.45
C GLU A 12 9.11 -17.61 25.88
N LEU A 13 9.23 -17.86 24.58
N LEU A 13 9.23 -17.85 24.57
CA LEU A 13 10.55 -18.01 23.94
CA LEU A 13 10.54 -17.99 23.94
C LEU A 13 11.43 -16.79 24.20
C LEU A 13 11.43 -16.78 24.21
N PRO A 14 12.72 -17.01 24.49
CA PRO A 14 13.67 -15.93 24.76
C PRO A 14 13.65 -14.78 23.72
N ARG A 15 13.63 -15.14 22.43
CA ARG A 15 13.62 -14.14 21.37
C ARG A 15 12.22 -13.69 20.92
N ILE A 16 11.22 -13.91 21.76
CA ILE A 16 9.85 -13.55 21.40
C ILE A 16 9.63 -12.05 21.55
N HIS A 17 8.84 -11.47 20.66
CA HIS A 17 8.55 -10.05 20.69
C HIS A 17 7.33 -9.83 21.59
N PRO A 18 7.36 -8.79 22.43
CA PRO A 18 6.25 -8.49 23.34
C PRO A 18 4.85 -8.60 22.75
N VAL A 19 4.65 -8.00 21.59
CA VAL A 19 3.36 -8.06 20.95
C VAL A 19 2.97 -9.50 20.57
N ALA A 20 3.92 -10.24 20.02
CA ALA A 20 3.69 -11.62 19.62
C ALA A 20 3.42 -12.51 20.84
N SER A 21 4.09 -12.20 21.95
CA SER A 21 3.91 -12.99 23.15
C SER A 21 2.50 -12.74 23.69
N LYS A 22 2.07 -11.48 23.71
CA LYS A 22 0.75 -11.10 24.19
C LYS A 22 -0.36 -11.83 23.42
N LEU A 23 -0.16 -11.92 22.10
CA LEU A 23 -1.10 -12.59 21.20
C LEU A 23 -1.14 -14.10 21.47
N LEU A 24 0.03 -14.75 21.40
CA LEU A 24 0.14 -16.18 21.64
C LEU A 24 -0.49 -16.61 22.96
N ARG A 25 -0.31 -15.80 23.99
CA ARG A 25 -0.89 -16.09 25.31
C ARG A 25 -2.43 -16.09 25.27
N LEU A 26 -3.02 -15.06 24.67
CA LEU A 26 -4.48 -15.00 24.63
C LEU A 26 -5.07 -16.04 23.67
N MET A 27 -4.30 -16.42 22.65
CA MET A 27 -4.75 -17.44 21.69
C MET A 27 -4.93 -18.75 22.46
N GLN A 28 -3.92 -19.12 23.24
CA GLN A 28 -4.00 -20.34 24.01
C GLN A 28 -5.06 -20.26 25.10
N LYS A 29 -5.18 -19.09 25.73
CA LYS A 29 -6.16 -18.89 26.80
C LYS A 29 -7.59 -19.05 26.27
N LYS A 30 -7.88 -18.39 25.15
CA LYS A 30 -9.20 -18.39 24.53
C LYS A 30 -9.40 -19.49 23.50
N GLU A 31 -8.38 -20.29 23.27
CA GLU A 31 -8.42 -21.37 22.28
C GLU A 31 -8.92 -20.88 20.92
N THR A 32 -8.34 -19.79 20.46
CA THR A 32 -8.69 -19.24 19.18
C THR A 32 -7.47 -18.73 18.41
N ASN A 33 -7.36 -19.13 17.15
CA ASN A 33 -6.27 -18.65 16.31
C ASN A 33 -6.97 -18.07 15.07
N LEU A 34 -8.13 -17.47 15.34
CA LEU A 34 -8.96 -16.83 14.31
C LEU A 34 -8.88 -15.31 14.36
N CYS A 35 -8.55 -14.71 13.21
CA CYS A 35 -8.46 -13.26 13.05
C CYS A 35 -9.63 -12.82 12.17
N LEU A 36 -10.54 -12.03 12.73
CA LEU A 36 -11.69 -11.56 11.96
C LEU A 36 -11.31 -10.34 11.11
N SER A 37 -11.67 -10.37 9.84
CA SER A 37 -11.38 -9.27 8.93
C SER A 37 -12.66 -8.42 8.84
N ALA A 38 -12.69 -7.36 9.64
CA ALA A 38 -13.84 -6.46 9.71
C ALA A 38 -13.82 -5.40 8.61
N ASP A 39 -14.23 -5.79 7.41
CA ASP A 39 -14.22 -4.86 6.29
C ASP A 39 -15.59 -4.20 6.11
N VAL A 40 -15.86 -3.24 6.97
CA VAL A 40 -17.13 -2.52 6.97
C VAL A 40 -16.93 -1.02 6.76
N SER A 41 -18.00 -0.33 6.35
CA SER A 41 -17.92 1.10 6.08
C SER A 41 -18.39 2.02 7.20
N LEU A 42 -18.99 1.46 8.24
CA LEU A 42 -19.48 2.25 9.38
C LEU A 42 -18.83 1.84 10.70
N ALA A 43 -18.45 2.84 11.49
CA ALA A 43 -17.82 2.59 12.77
C ALA A 43 -18.69 1.70 13.65
N ARG A 44 -19.93 2.12 13.85
CA ARG A 44 -20.86 1.38 14.69
C ARG A 44 -20.94 -0.08 14.24
N GLU A 45 -20.65 -0.32 12.96
CA GLU A 45 -20.68 -1.66 12.42
C GLU A 45 -19.39 -2.39 12.88
N LEU A 46 -18.28 -1.66 12.78
CA LEU A 46 -16.99 -2.16 13.19
C LEU A 46 -17.01 -2.47 14.68
N LEU A 47 -17.58 -1.54 15.45
CA LEU A 47 -17.66 -1.72 16.91
C LEU A 47 -18.65 -2.82 17.32
N GLN A 48 -19.75 -2.94 16.59
CA GLN A 48 -20.74 -3.95 16.88
C GLN A 48 -20.15 -5.35 16.68
N LEU A 49 -19.47 -5.55 15.57
CA LEU A 49 -18.85 -6.83 15.25
C LEU A 49 -17.70 -7.23 16.19
N ALA A 50 -16.86 -6.26 16.56
CA ALA A 50 -15.73 -6.49 17.47
C ALA A 50 -16.24 -6.97 18.82
N ASP A 51 -17.38 -6.40 19.24
CA ASP A 51 -17.96 -6.77 20.53
C ASP A 51 -18.60 -8.15 20.48
N ALA A 52 -19.43 -8.39 19.47
CA ALA A 52 -20.11 -9.67 19.33
C ALA A 52 -19.17 -10.85 19.08
N LEU A 53 -18.17 -10.67 18.22
CA LEU A 53 -17.27 -11.77 17.90
C LEU A 53 -15.95 -11.75 18.68
N GLY A 54 -15.74 -10.69 19.47
CA GLY A 54 -14.54 -10.57 20.26
C GLY A 54 -14.11 -11.80 21.05
N PRO A 55 -15.06 -12.50 21.69
CA PRO A 55 -14.72 -13.70 22.47
C PRO A 55 -14.25 -14.89 21.62
N SER A 56 -14.56 -14.84 20.32
CA SER A 56 -14.23 -15.92 19.40
C SER A 56 -12.96 -15.67 18.60
N ILE A 57 -12.37 -14.49 18.74
CA ILE A 57 -11.18 -14.17 17.98
C ILE A 57 -9.94 -13.84 18.80
N CYS A 58 -8.79 -13.90 18.14
CA CYS A 58 -7.52 -13.60 18.78
C CYS A 58 -7.00 -12.28 18.19
N MET A 59 -7.69 -11.79 17.17
CA MET A 59 -7.28 -10.58 16.50
C MET A 59 -8.38 -10.03 15.59
N LEU A 60 -8.37 -8.72 15.39
CA LEU A 60 -9.34 -8.10 14.52
C LEU A 60 -8.54 -7.29 13.50
N LYS A 61 -8.73 -7.59 12.23
CA LYS A 61 -8.00 -6.88 11.19
C LYS A 61 -8.89 -5.77 10.65
N THR A 62 -8.30 -4.59 10.48
CA THR A 62 -9.05 -3.43 9.99
C THR A 62 -8.49 -2.83 8.69
N HIS A 63 -9.35 -2.05 8.02
CA HIS A 63 -9.04 -1.28 6.83
C HIS A 63 -9.75 0.02 7.18
N VAL A 64 -9.11 0.76 8.08
N VAL A 64 -9.12 0.77 8.07
CA VAL A 64 -9.59 2.01 8.58
CA VAL A 64 -9.63 2.03 8.55
C VAL A 64 -9.92 3.04 7.49
C VAL A 64 -9.95 3.05 7.47
N ASP A 65 -9.25 2.94 6.34
CA ASP A 65 -9.47 3.85 5.23
C ASP A 65 -10.71 3.54 4.38
N ILE A 66 -11.51 2.57 4.83
CA ILE A 66 -12.72 2.20 4.14
C ILE A 66 -13.90 2.64 4.99
N LEU A 67 -13.58 3.11 6.20
CA LEU A 67 -14.57 3.61 7.16
C LEU A 67 -15.00 5.05 6.82
N ASN A 68 -16.26 5.24 6.51
CA ASN A 68 -16.75 6.56 6.17
C ASN A 68 -16.83 7.55 7.33
N ASP A 69 -16.91 7.04 8.56
CA ASP A 69 -17.01 7.91 9.73
C ASP A 69 -15.92 7.68 10.76
N PHE A 70 -14.71 7.42 10.29
CA PHE A 70 -13.58 7.20 11.18
C PHE A 70 -13.25 8.45 11.98
N THR A 71 -12.84 8.24 13.23
CA THR A 71 -12.42 9.29 14.14
C THR A 71 -11.53 8.55 15.11
N LEU A 72 -10.68 9.27 15.81
CA LEU A 72 -9.78 8.67 16.77
C LEU A 72 -10.54 8.23 18.01
N ASP A 73 -11.75 8.75 18.17
CA ASP A 73 -12.57 8.36 19.31
C ASP A 73 -13.11 6.95 19.08
N VAL A 74 -13.28 6.60 17.80
CA VAL A 74 -13.75 5.27 17.42
C VAL A 74 -12.68 4.23 17.77
N MET A 75 -11.43 4.60 17.50
CA MET A 75 -10.31 3.72 17.79
C MET A 75 -10.14 3.57 19.30
N LYS A 76 -10.52 4.60 20.05
CA LYS A 76 -10.41 4.56 21.50
C LYS A 76 -11.40 3.51 22.01
N GLU A 77 -12.61 3.58 21.48
CA GLU A 77 -13.65 2.65 21.85
C GLU A 77 -13.25 1.22 21.46
N LEU A 78 -12.72 1.07 20.24
CA LEU A 78 -12.28 -0.24 19.72
C LEU A 78 -11.24 -0.89 20.62
N ILE A 79 -10.32 -0.09 21.13
N ILE A 79 -10.32 -0.09 21.14
CA ILE A 79 -9.27 -0.58 22.01
CA ILE A 79 -9.26 -0.55 22.02
C ILE A 79 -9.88 -1.08 23.32
C ILE A 79 -9.87 -1.07 23.31
N THR A 80 -10.91 -0.40 23.78
CA THR A 80 -11.61 -0.78 25.00
C THR A 80 -12.18 -2.18 24.82
N LEU A 81 -12.72 -2.44 23.63
CA LEU A 81 -13.28 -3.75 23.32
C LEU A 81 -12.16 -4.80 23.20
N ALA A 82 -11.02 -4.39 22.64
CA ALA A 82 -9.87 -5.28 22.47
C ALA A 82 -9.35 -5.66 23.85
N LYS A 83 -9.29 -4.70 24.76
CA LYS A 83 -8.83 -4.98 26.11
C LYS A 83 -9.83 -5.88 26.85
N CYS A 84 -11.11 -5.55 26.74
CA CYS A 84 -12.20 -6.33 27.37
C CYS A 84 -12.26 -7.77 26.89
N HIS A 85 -12.41 -7.95 25.59
CA HIS A 85 -12.51 -9.28 25.00
C HIS A 85 -11.16 -9.96 24.83
N GLU A 86 -10.08 -9.18 24.90
CA GLU A 86 -8.73 -9.72 24.75
C GLU A 86 -8.36 -10.22 23.36
N PHE A 87 -8.13 -9.28 22.45
CA PHE A 87 -7.71 -9.59 21.09
C PHE A 87 -6.90 -8.38 20.65
N LEU A 88 -5.98 -8.60 19.70
CA LEU A 88 -5.17 -7.50 19.18
C LEU A 88 -5.82 -6.83 17.99
N ILE A 89 -5.33 -5.64 17.67
CA ILE A 89 -5.84 -4.87 16.54
C ILE A 89 -4.78 -4.83 15.46
N PHE A 90 -5.17 -5.29 14.27
CA PHE A 90 -4.28 -5.35 13.14
C PHE A 90 -4.80 -4.52 11.97
N GLU A 91 -4.17 -3.37 11.73
CA GLU A 91 -4.55 -2.50 10.64
C GLU A 91 -3.81 -2.97 9.39
N ASP A 92 -4.58 -3.53 8.46
CA ASP A 92 -4.04 -4.05 7.21
C ASP A 92 -3.74 -2.87 6.28
N ARG A 93 -2.72 -2.08 6.65
CA ARG A 93 -2.40 -0.86 5.90
C ARG A 93 -1.48 -1.11 4.73
N LYS A 94 -0.75 -2.19 4.74
CA LYS A 94 0.14 -2.39 3.60
C LYS A 94 1.18 -1.43 3.20
N PHE A 95 1.96 -0.99 4.16
CA PHE A 95 3.03 -0.02 3.88
C PHE A 95 3.87 -0.63 2.75
N ALA A 96 4.06 0.15 1.71
CA ALA A 96 4.81 -0.31 0.57
C ALA A 96 5.51 0.82 -0.16
N ASP A 97 6.16 1.72 0.59
CA ASP A 97 6.88 2.81 -0.03
C ASP A 97 8.24 2.99 0.64
N ILE A 98 8.99 3.99 0.19
CA ILE A 98 10.30 4.27 0.74
C ILE A 98 10.16 4.61 2.24
N GLY A 99 11.18 4.24 3.02
CA GLY A 99 11.18 4.48 4.45
C GLY A 99 10.77 5.86 4.92
N ASN A 100 11.24 6.89 4.23
CA ASN A 100 10.92 8.25 4.63
C ASN A 100 9.43 8.57 4.52
N THR A 101 8.73 7.96 3.56
CA THR A 101 7.31 8.22 3.41
C THR A 101 6.46 7.39 4.40
N VAL A 102 6.77 6.10 4.55
CA VAL A 102 6.01 5.23 5.45
C VAL A 102 5.99 5.57 6.95
N LYS A 103 7.07 6.11 7.49
CA LYS A 103 7.07 6.45 8.90
C LYS A 103 6.05 7.56 9.14
N LYS A 104 5.87 8.41 8.12
CA LYS A 104 4.91 9.50 8.20
C LYS A 104 3.47 8.99 8.07
N GLN A 105 3.27 8.02 7.18
CA GLN A 105 1.95 7.44 6.97
C GLN A 105 1.58 6.58 8.17
N TYR A 106 2.58 6.06 8.87
CA TYR A 106 2.37 5.20 10.03
C TYR A 106 2.04 6.00 11.30
N GLU A 107 2.76 7.10 11.49
CA GLU A 107 2.54 7.92 12.67
C GLU A 107 1.57 9.07 12.56
N GLY A 108 1.61 9.78 11.42
CA GLY A 108 0.78 10.96 11.26
C GLY A 108 -0.51 10.86 10.48
N GLY A 109 -0.92 12.00 9.92
CA GLY A 109 -2.15 12.05 9.14
C GLY A 109 -3.39 12.01 10.01
N ILE A 110 -4.52 11.67 9.40
CA ILE A 110 -5.79 11.60 10.08
C ILE A 110 -5.96 10.31 10.90
N PHE A 111 -5.41 9.21 10.39
CA PHE A 111 -5.50 7.89 11.03
C PHE A 111 -4.57 7.62 12.21
N LYS A 112 -3.39 8.22 12.22
CA LYS A 112 -2.42 8.02 13.29
C LYS A 112 -2.44 6.56 13.71
N ILE A 113 -2.33 5.69 12.72
CA ILE A 113 -2.35 4.24 12.91
C ILE A 113 -1.55 3.71 14.09
N ALA A 114 -0.28 4.13 14.20
CA ALA A 114 0.61 3.67 15.26
C ALA A 114 0.08 3.93 16.67
N SER A 115 -0.85 4.87 16.79
N SER A 115 -0.85 4.87 16.79
CA SER A 115 -1.41 5.20 18.09
CA SER A 115 -1.42 5.21 18.08
C SER A 115 -2.45 4.19 18.58
C SER A 115 -2.48 4.21 18.57
N TRP A 116 -2.85 3.25 17.73
CA TRP A 116 -3.88 2.27 18.14
C TRP A 116 -3.72 0.88 17.56
N ALA A 117 -2.85 0.73 16.56
CA ALA A 117 -2.63 -0.56 15.93
C ALA A 117 -1.51 -1.32 16.61
N ASP A 118 -1.82 -2.50 17.12
CA ASP A 118 -0.80 -3.35 17.75
C ASP A 118 0.09 -3.84 16.62
N LEU A 119 -0.56 -4.19 15.51
CA LEU A 119 0.14 -4.68 14.34
C LEU A 119 -0.24 -3.95 13.06
N VAL A 120 0.72 -3.91 12.12
CA VAL A 120 0.53 -3.34 10.78
C VAL A 120 1.38 -4.28 9.92
N ASN A 121 1.11 -4.32 8.63
CA ASN A 121 1.89 -5.17 7.74
C ASN A 121 2.51 -4.30 6.68
N ALA A 122 3.47 -4.85 5.93
CA ALA A 122 4.10 -4.07 4.87
C ALA A 122 4.65 -4.99 3.80
N HIS A 123 4.61 -4.52 2.56
CA HIS A 123 5.12 -5.26 1.42
C HIS A 123 6.61 -5.03 1.44
N VAL A 124 7.37 -6.07 1.08
CA VAL A 124 8.82 -6.01 1.05
C VAL A 124 9.42 -5.46 -0.26
N VAL A 125 8.60 -5.36 -1.30
CA VAL A 125 9.08 -4.89 -2.59
C VAL A 125 10.00 -3.65 -2.61
N PRO A 126 9.81 -2.68 -1.69
CA PRO A 126 10.65 -1.46 -1.66
C PRO A 126 12.07 -1.64 -1.10
N GLY A 127 12.35 -2.83 -0.57
CA GLY A 127 13.64 -3.04 0.06
C GLY A 127 13.43 -2.86 1.55
N SER A 128 14.43 -3.20 2.35
CA SER A 128 14.33 -3.09 3.79
C SER A 128 14.08 -1.68 4.32
N GLY A 129 14.28 -0.67 3.49
CA GLY A 129 14.06 0.68 3.95
C GLY A 129 12.65 0.87 4.48
N VAL A 130 11.72 0.07 3.97
CA VAL A 130 10.33 0.17 4.39
C VAL A 130 10.15 -0.28 5.85
N VAL A 131 10.97 -1.23 6.29
CA VAL A 131 10.90 -1.73 7.66
C VAL A 131 11.63 -0.77 8.60
N LYS A 132 12.78 -0.28 8.17
CA LYS A 132 13.57 0.65 8.96
C LYS A 132 12.85 1.97 9.20
N GLY A 133 12.02 2.40 8.24
CA GLY A 133 11.28 3.63 8.37
C GLY A 133 10.13 3.46 9.34
N LEU A 134 9.40 2.37 9.20
CA LEU A 134 8.29 2.10 10.10
C LEU A 134 8.84 1.96 11.51
N GLN A 135 9.90 1.17 11.64
CA GLN A 135 10.56 0.91 12.93
C GLN A 135 10.72 2.15 13.79
N GLU A 136 11.27 3.19 13.18
CA GLU A 136 11.49 4.43 13.89
C GLU A 136 10.23 4.88 14.62
N VAL A 137 9.07 4.54 14.06
CA VAL A 137 7.80 4.92 14.71
C VAL A 137 7.29 3.80 15.60
N GLY A 138 7.38 2.56 15.10
CA GLY A 138 6.89 1.43 15.84
C GLY A 138 7.59 1.04 17.14
N LEU A 139 8.92 1.07 17.16
CA LEU A 139 9.63 0.68 18.36
C LEU A 139 9.30 1.55 19.59
N PRO A 140 9.31 2.89 19.43
CA PRO A 140 8.98 3.79 20.56
C PRO A 140 7.60 3.46 21.11
N LEU A 141 6.68 3.14 20.20
CA LEU A 141 5.32 2.81 20.56
C LEU A 141 5.07 1.34 20.91
N HIS A 142 6.14 0.56 21.00
CA HIS A 142 6.03 -0.84 21.38
C HIS A 142 5.18 -1.68 20.43
N ARG A 143 5.19 -1.33 19.14
CA ARG A 143 4.38 -2.05 18.15
C ARG A 143 5.10 -3.20 17.46
N GLY A 144 4.35 -3.90 16.61
CA GLY A 144 4.90 -5.03 15.87
C GLY A 144 4.56 -4.88 14.41
N CYS A 145 5.31 -5.55 13.54
CA CYS A 145 5.07 -5.47 12.10
C CYS A 145 5.07 -6.87 11.42
N LEU A 146 4.19 -7.04 10.44
CA LEU A 146 4.08 -8.29 9.67
C LEU A 146 4.50 -8.04 8.22
N LEU A 147 5.37 -8.90 7.68
CA LEU A 147 5.81 -8.73 6.31
C LEU A 147 5.05 -9.66 5.39
N ILE A 148 4.53 -9.12 4.30
CA ILE A 148 3.78 -9.89 3.33
C ILE A 148 4.77 -10.70 2.47
N ALA A 149 4.86 -11.99 2.78
CA ALA A 149 5.77 -12.90 2.07
C ALA A 149 5.09 -13.56 0.86
N GLU A 150 3.80 -13.84 1.01
CA GLU A 150 2.99 -14.47 -0.04
C GLU A 150 1.61 -13.82 -0.02
N MET A 151 0.87 -13.95 -1.11
CA MET A 151 -0.47 -13.39 -1.20
C MET A 151 -1.43 -14.47 -1.68
N SER A 152 -2.71 -14.30 -1.39
CA SER A 152 -3.74 -15.26 -1.74
C SER A 152 -4.30 -15.10 -3.16
N SER A 153 -4.24 -13.89 -3.69
CA SER A 153 -4.77 -13.59 -5.01
C SER A 153 -4.11 -14.27 -6.23
N THR A 154 -4.93 -14.55 -7.24
CA THR A 154 -4.45 -15.16 -8.48
C THR A 154 -3.49 -14.18 -9.18
N GLY A 155 -2.35 -14.68 -9.60
CA GLY A 155 -1.39 -13.83 -10.27
C GLY A 155 -0.32 -13.26 -9.36
N SER A 156 -0.45 -13.50 -8.06
CA SER A 156 0.52 -13.00 -7.08
C SER A 156 2.00 -13.14 -7.49
N LEU A 157 2.76 -12.09 -7.27
CA LEU A 157 4.18 -12.11 -7.61
C LEU A 157 5.05 -12.37 -6.39
N ALA A 158 4.41 -12.54 -5.24
CA ALA A 158 5.12 -12.79 -4.00
C ALA A 158 5.47 -14.28 -3.93
N THR A 159 6.34 -14.71 -4.84
CA THR A 159 6.76 -16.11 -4.93
C THR A 159 8.28 -16.27 -5.06
N GLY A 160 8.76 -17.48 -4.83
CA GLY A 160 10.17 -17.78 -4.95
C GLY A 160 11.08 -16.80 -4.23
N ASP A 161 12.04 -16.25 -4.96
CA ASP A 161 12.99 -15.32 -4.39
C ASP A 161 12.33 -14.15 -3.65
N TYR A 162 11.16 -13.72 -4.12
CA TYR A 162 10.44 -12.62 -3.48
C TYR A 162 10.11 -13.04 -2.07
N THR A 163 9.55 -14.24 -1.93
CA THR A 163 9.18 -14.77 -0.65
C THR A 163 10.41 -14.95 0.25
N ARG A 164 11.52 -15.39 -0.32
CA ARG A 164 12.73 -15.58 0.46
C ARG A 164 13.28 -14.25 0.97
N ALA A 165 13.14 -13.20 0.16
CA ALA A 165 13.61 -11.88 0.52
C ALA A 165 12.85 -11.40 1.73
N ALA A 166 11.56 -11.70 1.76
CA ALA A 166 10.72 -11.29 2.88
C ALA A 166 11.22 -11.92 4.17
N VAL A 167 11.44 -13.24 4.13
CA VAL A 167 11.94 -13.97 5.29
C VAL A 167 13.25 -13.39 5.81
N ARG A 168 14.24 -13.18 4.93
CA ARG A 168 15.53 -12.62 5.33
C ARG A 168 15.35 -11.24 5.97
N MET A 169 14.42 -10.46 5.43
CA MET A 169 14.16 -9.11 5.93
C MET A 169 13.54 -9.15 7.33
N ALA A 170 12.64 -10.09 7.56
CA ALA A 170 11.98 -10.22 8.85
C ALA A 170 12.96 -10.74 9.89
N GLU A 171 13.81 -11.68 9.49
CA GLU A 171 14.78 -12.22 10.43
C GLU A 171 15.90 -11.23 10.77
N GLU A 172 16.07 -10.21 9.94
CA GLU A 172 17.09 -9.19 10.18
C GLU A 172 16.53 -7.98 10.93
N HIS A 173 15.23 -7.96 11.17
CA HIS A 173 14.59 -6.87 11.90
C HIS A 173 13.62 -7.45 12.92
N SER A 174 14.06 -8.49 13.62
CA SER A 174 13.22 -9.16 14.60
C SER A 174 12.80 -8.30 15.80
N GLU A 175 13.46 -7.15 15.98
CA GLU A 175 13.09 -6.29 17.08
C GLU A 175 11.74 -5.62 16.79
N PHE A 176 11.33 -5.64 15.52
CA PHE A 176 10.06 -5.04 15.11
C PHE A 176 9.13 -5.96 14.31
N VAL A 177 9.69 -6.78 13.43
CA VAL A 177 8.88 -7.70 12.63
C VAL A 177 8.59 -8.95 13.46
N VAL A 178 7.31 -9.23 13.70
CA VAL A 178 6.94 -10.38 14.51
C VAL A 178 6.37 -11.55 13.72
N GLY A 179 6.39 -11.43 12.39
CA GLY A 179 5.83 -12.51 11.61
C GLY A 179 5.49 -12.19 10.17
N PHE A 180 4.67 -13.05 9.59
CA PHE A 180 4.31 -12.91 8.19
C PHE A 180 2.86 -13.05 7.82
N ILE A 181 2.56 -12.51 6.64
CA ILE A 181 1.25 -12.66 6.05
C ILE A 181 1.69 -13.63 4.94
N SER A 182 1.21 -14.86 4.98
CA SER A 182 1.59 -15.86 3.99
C SER A 182 0.53 -16.95 3.83
N GLY A 183 0.73 -17.83 2.86
CA GLY A 183 -0.23 -18.91 2.63
C GLY A 183 0.18 -20.17 3.37
N SER A 184 1.41 -20.18 3.86
CA SER A 184 1.92 -21.34 4.59
C SER A 184 3.14 -20.90 5.41
N ARG A 185 3.61 -21.79 6.28
CA ARG A 185 4.79 -21.51 7.08
C ARG A 185 5.91 -21.17 6.10
N VAL A 186 6.62 -20.07 6.37
CA VAL A 186 7.71 -19.65 5.49
C VAL A 186 9.02 -19.54 6.26
N SER A 187 8.93 -19.51 7.59
CA SER A 187 10.11 -19.43 8.43
C SER A 187 10.11 -20.59 9.43
N MET A 188 11.28 -21.16 9.68
CA MET A 188 11.38 -22.27 10.63
C MET A 188 11.73 -21.78 12.03
N LYS A 189 11.62 -20.47 12.26
CA LYS A 189 11.90 -19.89 13.57
C LYS A 189 10.54 -19.70 14.25
N PRO A 190 10.28 -20.46 15.34
CA PRO A 190 9.02 -20.40 16.09
C PRO A 190 8.65 -19.06 16.71
N GLU A 191 9.58 -18.10 16.70
CA GLU A 191 9.29 -16.78 17.24
C GLU A 191 8.42 -15.97 16.28
N PHE A 192 8.40 -16.40 15.03
CA PHE A 192 7.62 -15.75 13.99
C PHE A 192 6.20 -16.30 13.85
N LEU A 193 5.25 -15.37 13.72
CA LEU A 193 3.85 -15.74 13.57
C LEU A 193 3.53 -15.82 12.08
N HIS A 194 2.58 -16.70 11.74
CA HIS A 194 2.15 -16.85 10.38
C HIS A 194 0.64 -16.60 10.33
N LEU A 195 0.23 -15.58 9.58
CA LEU A 195 -1.19 -15.23 9.42
C LEU A 195 -1.61 -15.47 7.96
N THR A 196 -2.66 -16.26 7.76
CA THR A 196 -3.12 -16.58 6.40
C THR A 196 -4.51 -16.11 6.01
N PRO A 197 -4.59 -15.18 5.03
CA PRO A 197 -5.88 -14.66 4.55
C PRO A 197 -6.31 -15.53 3.36
N GLY A 198 -7.48 -15.27 2.78
CA GLY A 198 -7.94 -16.08 1.68
C GLY A 198 -8.40 -17.43 2.21
N VAL A 199 -9.14 -17.42 3.32
CA VAL A 199 -9.63 -18.65 3.92
C VAL A 199 -11.16 -18.77 4.04
N GLN A 200 -11.67 -19.95 3.68
CA GLN A 200 -13.10 -20.27 3.76
C GLN A 200 -13.26 -21.79 3.82
N LEU A 201 -14.28 -22.25 4.53
CA LEU A 201 -14.56 -23.67 4.67
C LEU A 201 -14.68 -24.37 3.33
N GLU A 202 -15.38 -23.74 2.40
CA GLU A 202 -15.60 -24.29 1.08
C GLU A 202 -14.57 -23.82 0.05
N ALA A 203 -14.42 -24.58 -1.02
CA ALA A 203 -13.49 -24.22 -2.08
C ALA A 203 -14.09 -23.07 -2.88
N GLY A 204 -13.25 -22.26 -3.50
CA GLY A 204 -13.77 -21.17 -4.29
C GLY A 204 -12.95 -19.90 -4.24
N GLY A 205 -13.61 -18.77 -4.50
CA GLY A 205 -12.96 -17.47 -4.48
C GLY A 205 -13.96 -16.43 -4.97
N ASP A 206 -13.49 -15.22 -5.29
CA ASP A 206 -14.39 -14.19 -5.80
C ASP A 206 -13.97 -13.83 -7.24
N ASN A 207 -14.71 -12.95 -7.92
CA ASN A 207 -14.34 -12.62 -9.29
C ASN A 207 -13.37 -11.46 -9.46
N LEU A 208 -12.63 -11.14 -8.40
CA LEU A 208 -11.62 -10.09 -8.46
C LEU A 208 -10.28 -10.60 -7.95
N GLY A 209 -9.98 -11.87 -8.25
CA GLY A 209 -8.70 -12.45 -7.87
C GLY A 209 -8.51 -13.23 -6.56
N GLN A 210 -9.45 -13.11 -5.62
CA GLN A 210 -9.30 -13.82 -4.35
C GLN A 210 -9.48 -15.33 -4.51
N GLN A 211 -8.65 -16.10 -3.82
CA GLN A 211 -8.71 -17.56 -3.85
C GLN A 211 -8.81 -18.03 -2.41
N TYR A 212 -9.58 -19.08 -2.19
CA TYR A 212 -9.76 -19.62 -0.84
C TYR A 212 -9.25 -21.03 -0.60
N ASN A 213 -8.81 -21.27 0.63
CA ASN A 213 -8.37 -22.58 1.10
C ASN A 213 -9.00 -22.72 2.47
N SER A 214 -9.22 -23.95 2.90
CA SER A 214 -9.83 -24.20 4.19
C SER A 214 -8.84 -24.07 5.34
N PRO A 215 -9.36 -23.95 6.57
CA PRO A 215 -8.55 -23.83 7.79
C PRO A 215 -7.63 -25.05 8.01
N GLN A 216 -8.16 -26.24 7.75
CA GLN A 216 -7.40 -27.47 7.93
C GLN A 216 -6.22 -27.49 6.97
N GLU A 217 -6.45 -27.02 5.75
CA GLU A 217 -5.40 -26.96 4.73
C GLU A 217 -4.30 -25.98 5.14
N VAL A 218 -4.72 -24.76 5.45
CA VAL A 218 -3.84 -23.66 5.83
C VAL A 218 -3.05 -23.92 7.13
N ILE A 219 -3.79 -24.23 8.19
CA ILE A 219 -3.21 -24.47 9.51
C ILE A 219 -2.62 -25.87 9.68
N GLY A 220 -3.35 -26.87 9.20
CA GLY A 220 -2.92 -28.24 9.35
C GLY A 220 -1.89 -28.72 8.35
N LYS A 221 -2.17 -28.55 7.06
CA LYS A 221 -1.27 -29.04 6.02
C LYS A 221 -0.16 -28.07 5.64
N ARG A 222 -0.43 -26.77 5.75
CA ARG A 222 0.58 -25.79 5.37
C ARG A 222 1.37 -25.19 6.53
N GLY A 223 0.95 -25.50 7.76
CA GLY A 223 1.66 -25.04 8.95
C GLY A 223 1.57 -23.58 9.36
N SER A 224 0.54 -22.88 8.89
CA SER A 224 0.38 -21.48 9.26
C SER A 224 -0.25 -21.45 10.66
N ASP A 225 -0.24 -20.29 11.33
CA ASP A 225 -0.77 -20.21 12.70
C ASP A 225 -2.17 -19.65 12.87
N ILE A 226 -2.44 -18.56 12.17
CA ILE A 226 -3.72 -17.87 12.29
C ILE A 226 -4.41 -17.73 10.94
N ILE A 227 -5.73 -17.88 10.95
CA ILE A 227 -6.50 -17.73 9.72
C ILE A 227 -7.22 -16.37 9.77
N ILE A 228 -7.19 -15.66 8.65
CA ILE A 228 -7.85 -14.37 8.55
C ILE A 228 -9.07 -14.60 7.67
N VAL A 229 -10.25 -14.32 8.22
CA VAL A 229 -11.51 -14.56 7.52
C VAL A 229 -12.40 -13.32 7.54
N GLY A 230 -12.91 -12.94 6.38
CA GLY A 230 -13.79 -11.78 6.30
C GLY A 230 -15.19 -12.16 5.90
N ARG A 231 -15.40 -12.27 4.59
CA ARG A 231 -16.69 -12.64 4.03
C ARG A 231 -17.19 -14.01 4.49
N GLY A 232 -16.27 -14.94 4.75
CA GLY A 232 -16.64 -16.27 5.19
C GLY A 232 -17.50 -16.19 6.45
N ILE A 233 -17.31 -15.14 7.23
CA ILE A 233 -18.05 -14.92 8.45
C ILE A 233 -19.08 -13.80 8.33
N ILE A 234 -18.66 -12.66 7.78
CA ILE A 234 -19.53 -11.49 7.65
C ILE A 234 -20.79 -11.62 6.79
N SER A 235 -20.72 -12.38 5.70
CA SER A 235 -21.87 -12.54 4.82
C SER A 235 -22.80 -13.66 5.25
N ALA A 236 -22.38 -14.40 6.27
CA ALA A 236 -23.18 -15.50 6.80
C ALA A 236 -24.39 -14.90 7.51
N ALA A 237 -25.50 -15.63 7.54
CA ALA A 237 -26.70 -15.16 8.20
C ALA A 237 -26.43 -15.07 9.71
N ASP A 238 -25.76 -16.09 10.26
CA ASP A 238 -25.42 -16.08 11.67
C ASP A 238 -23.91 -15.91 11.79
N ARG A 239 -23.50 -14.69 12.13
CA ARG A 239 -22.08 -14.37 12.26
C ARG A 239 -21.37 -14.96 13.48
N LEU A 240 -22.06 -15.12 14.59
CA LEU A 240 -21.42 -15.71 15.76
C LEU A 240 -21.18 -17.21 15.55
N GLU A 241 -22.13 -17.86 14.88
CA GLU A 241 -21.98 -19.28 14.63
C GLU A 241 -20.89 -19.50 13.58
N ALA A 242 -20.77 -18.57 12.63
CA ALA A 242 -19.75 -18.70 11.60
C ALA A 242 -18.38 -18.54 12.27
N ALA A 243 -18.29 -17.58 13.18
CA ALA A 243 -17.05 -17.32 13.89
C ALA A 243 -16.61 -18.57 14.65
N GLU A 244 -17.52 -19.14 15.43
CA GLU A 244 -17.19 -20.33 16.20
C GLU A 244 -16.74 -21.47 15.28
N MET A 245 -17.44 -21.65 14.16
CA MET A 245 -17.10 -22.70 13.21
C MET A 245 -15.69 -22.56 12.69
N TYR A 246 -15.29 -21.32 12.37
CA TYR A 246 -13.95 -21.07 11.87
C TYR A 246 -12.92 -21.17 13.00
N ARG A 247 -13.31 -20.78 14.20
CA ARG A 247 -12.43 -20.84 15.37
C ARG A 247 -12.08 -22.30 15.66
N LYS A 248 -13.12 -23.11 15.82
CA LYS A 248 -12.98 -24.54 16.10
C LYS A 248 -12.28 -25.24 14.95
N ALA A 249 -12.50 -24.75 13.73
CA ALA A 249 -11.85 -25.33 12.57
C ALA A 249 -10.35 -25.12 12.62
N ALA A 250 -9.95 -23.86 12.85
CA ALA A 250 -8.53 -23.49 12.91
C ALA A 250 -7.81 -24.01 14.15
N TRP A 251 -8.53 -24.11 15.26
CA TRP A 251 -7.95 -24.57 16.51
C TRP A 251 -7.70 -26.06 16.49
N GLU A 252 -8.68 -26.83 16.04
CA GLU A 252 -8.52 -28.29 15.97
C GLU A 252 -7.40 -28.69 15.00
N ALA A 253 -7.20 -27.92 13.94
CA ALA A 253 -6.15 -28.18 12.96
C ALA A 253 -4.80 -27.90 13.62
N TYR A 254 -4.78 -26.89 14.47
CA TYR A 254 -3.59 -26.53 15.22
C TYR A 254 -3.25 -27.71 16.14
N LEU A 255 -4.20 -28.07 17.00
CA LEU A 255 -4.02 -29.18 17.94
C LEU A 255 -3.54 -30.46 17.25
N SER A 256 -4.14 -30.82 16.13
CA SER A 256 -3.75 -32.03 15.40
C SER A 256 -2.27 -32.01 14.99
N ARG A 257 -1.83 -30.88 14.45
CA ARG A 257 -0.46 -30.73 14.02
C ARG A 257 0.50 -30.69 15.20
N LEU A 258 -0.03 -30.39 16.38
CA LEU A 258 0.80 -30.31 17.58
C LEU A 258 1.12 -31.69 18.16
N GLY A 259 0.13 -32.59 18.18
CA GLY A 259 0.34 -33.92 18.70
C GLY A 259 0.25 -34.04 20.20
N ALA B 2 9.57 2.98 -32.64
CA ALA B 2 9.73 4.05 -31.62
C ALA B 2 10.77 5.10 -31.96
N MET B 3 10.40 6.11 -32.75
CA MET B 3 11.31 7.20 -33.03
C MET B 3 10.86 8.10 -31.87
N GLU B 4 11.54 9.22 -31.65
CA GLU B 4 11.17 10.08 -30.52
C GLU B 4 10.15 11.17 -30.85
N LEU B 5 8.95 11.03 -30.30
CA LEU B 5 7.87 11.99 -30.53
C LEU B 5 7.65 12.93 -29.35
N SER B 6 7.28 14.16 -29.66
CA SER B 6 7.05 15.15 -28.61
C SER B 6 5.81 14.76 -27.82
N PHE B 7 5.54 15.53 -26.77
CA PHE B 7 4.39 15.29 -25.91
C PHE B 7 3.12 15.66 -26.67
N GLY B 8 3.16 16.76 -27.42
CA GLY B 8 2.00 17.19 -28.17
C GLY B 8 1.54 16.18 -29.22
N ALA B 9 2.47 15.41 -29.76
CA ALA B 9 2.16 14.40 -30.76
C ALA B 9 1.57 13.15 -30.13
N ARG B 10 2.19 12.71 -29.04
CA ARG B 10 1.71 11.52 -28.33
C ARG B 10 0.30 11.73 -27.79
N ALA B 11 -0.03 12.97 -27.46
CA ALA B 11 -1.35 13.31 -26.93
C ALA B 11 -2.44 13.09 -27.99
N GLU B 12 -2.05 13.01 -29.25
CA GLU B 12 -2.95 12.81 -30.39
C GLU B 12 -2.89 11.37 -30.92
N LEU B 13 -2.19 10.52 -30.17
CA LEU B 13 -2.02 9.12 -30.53
C LEU B 13 -3.26 8.26 -30.38
N PRO B 14 -3.27 7.15 -31.12
CA PRO B 14 -4.29 6.11 -31.21
C PRO B 14 -5.09 5.74 -30.00
N ARG B 15 -4.51 4.79 -29.27
CA ARG B 15 -5.05 4.20 -28.06
C ARG B 15 -4.76 5.06 -26.84
N ILE B 16 -4.56 6.35 -27.08
CA ILE B 16 -4.26 7.26 -25.99
C ILE B 16 -5.48 7.49 -25.07
N HIS B 17 -5.28 7.27 -23.78
CA HIS B 17 -6.34 7.40 -22.82
C HIS B 17 -6.64 8.89 -22.63
N PRO B 18 -7.91 9.25 -22.48
CA PRO B 18 -8.36 10.63 -22.28
C PRO B 18 -7.49 11.44 -21.31
N VAL B 19 -7.23 10.88 -20.13
CA VAL B 19 -6.40 11.56 -19.13
C VAL B 19 -4.96 11.76 -19.63
N ALA B 20 -4.34 10.69 -20.11
CA ALA B 20 -2.97 10.76 -20.62
C ALA B 20 -2.90 11.84 -21.70
N SER B 21 -3.96 11.92 -22.51
CA SER B 21 -4.06 12.90 -23.59
C SER B 21 -4.11 14.33 -23.04
N LYS B 22 -4.92 14.52 -22.00
CA LYS B 22 -5.06 15.83 -21.36
C LYS B 22 -3.71 16.24 -20.80
N LEU B 23 -3.10 15.34 -20.04
CA LEU B 23 -1.79 15.58 -19.43
C LEU B 23 -0.70 15.93 -20.44
N LEU B 24 -0.55 15.13 -21.48
CA LEU B 24 0.47 15.39 -22.48
C LEU B 24 0.27 16.73 -23.17
N ARG B 25 -0.99 17.13 -23.36
CA ARG B 25 -1.32 18.40 -24.01
C ARG B 25 -0.88 19.58 -23.16
N LEU B 26 -1.14 19.53 -21.86
CA LEU B 26 -0.73 20.64 -20.99
C LEU B 26 0.77 20.68 -20.80
N MET B 27 1.41 19.51 -20.85
CA MET B 27 2.86 19.43 -20.73
C MET B 27 3.50 20.20 -21.89
N GLN B 28 3.02 19.94 -23.09
CA GLN B 28 3.48 20.61 -24.31
C GLN B 28 3.17 22.10 -24.24
N LYS B 29 1.96 22.45 -23.81
CA LYS B 29 1.53 23.85 -23.71
C LYS B 29 2.41 24.67 -22.76
N LYS B 30 2.56 24.16 -21.54
CA LYS B 30 3.32 24.84 -20.48
C LYS B 30 4.82 24.52 -20.42
N GLU B 31 5.28 23.65 -21.31
CA GLU B 31 6.68 23.28 -21.34
C GLU B 31 7.17 22.76 -19.97
N THR B 32 6.50 21.75 -19.45
CA THR B 32 6.87 21.16 -18.17
C THR B 32 6.53 19.68 -18.07
N ASN B 33 7.51 18.88 -17.68
CA ASN B 33 7.28 17.45 -17.49
C ASN B 33 7.73 17.13 -16.07
N LEU B 34 7.43 18.09 -15.19
CA LEU B 34 7.76 18.02 -13.77
C LEU B 34 6.56 17.75 -12.91
N CYS B 35 6.66 16.73 -12.05
CA CYS B 35 5.59 16.38 -11.10
C CYS B 35 6.04 16.67 -9.67
N LEU B 36 5.35 17.60 -9.02
CA LEU B 36 5.66 17.99 -7.65
C LEU B 36 5.14 16.99 -6.60
N SER B 37 6.04 16.47 -5.77
CA SER B 37 5.63 15.54 -4.71
C SER B 37 5.40 16.40 -3.47
N ALA B 38 4.16 16.90 -3.34
CA ALA B 38 3.77 17.77 -2.24
C ALA B 38 3.61 17.01 -0.93
N ASP B 39 4.73 16.54 -0.41
CA ASP B 39 4.73 15.83 0.85
C ASP B 39 4.83 16.79 2.04
N VAL B 40 3.68 17.28 2.49
CA VAL B 40 3.57 18.20 3.61
C VAL B 40 2.44 17.65 4.48
N SER B 41 2.30 18.17 5.68
CA SER B 41 1.25 17.69 6.58
C SER B 41 0.13 18.71 6.81
N LEU B 42 0.26 19.89 6.24
CA LEU B 42 -0.75 20.92 6.42
C LEU B 42 -1.46 21.21 5.11
N ALA B 43 -2.78 21.29 5.17
CA ALA B 43 -3.57 21.61 3.99
C ALA B 43 -3.21 23.00 3.47
N ARG B 44 -3.01 23.95 4.40
CA ARG B 44 -2.65 25.31 4.01
C ARG B 44 -1.36 25.34 3.17
N GLU B 45 -0.34 24.60 3.58
CA GLU B 45 0.91 24.58 2.83
C GLU B 45 0.72 23.86 1.50
N LEU B 46 -0.06 22.78 1.50
CA LEU B 46 -0.32 22.03 0.28
C LEU B 46 -0.95 22.92 -0.80
N LEU B 47 -1.94 23.71 -0.40
CA LEU B 47 -2.64 24.59 -1.33
C LEU B 47 -1.78 25.74 -1.80
N GLN B 48 -0.99 26.31 -0.90
CA GLN B 48 -0.10 27.42 -1.25
C GLN B 48 0.97 27.00 -2.24
N LEU B 49 1.49 25.78 -2.09
CA LEU B 49 2.50 25.26 -3.01
C LEU B 49 1.87 24.98 -4.38
N ALA B 50 0.64 24.47 -4.37
CA ALA B 50 -0.09 24.14 -5.60
C ALA B 50 -0.43 25.40 -6.39
N ASP B 51 -0.63 26.50 -5.67
CA ASP B 51 -0.97 27.75 -6.33
C ASP B 51 0.27 28.40 -6.93
N ALA B 52 1.31 28.55 -6.11
CA ALA B 52 2.56 29.16 -6.56
C ALA B 52 3.31 28.33 -7.60
N LEU B 53 3.32 27.01 -7.42
CA LEU B 53 4.02 26.13 -8.33
C LEU B 53 3.15 25.53 -9.44
N GLY B 54 1.85 25.81 -9.41
CA GLY B 54 0.95 25.28 -10.42
C GLY B 54 1.42 25.51 -11.84
N PRO B 55 1.81 26.74 -12.17
CA PRO B 55 2.28 27.10 -13.51
C PRO B 55 3.58 26.39 -13.95
N SER B 56 4.33 25.90 -12.97
CA SER B 56 5.61 25.23 -13.22
C SER B 56 5.47 23.71 -13.35
N ILE B 57 4.34 23.16 -12.94
CA ILE B 57 4.15 21.72 -12.97
C ILE B 57 3.04 21.20 -13.91
N CYS B 58 3.17 19.94 -14.29
CA CYS B 58 2.21 19.26 -15.15
C CYS B 58 1.37 18.34 -14.27
N MET B 59 1.85 18.13 -13.04
CA MET B 59 1.16 17.23 -12.13
C MET B 59 1.53 17.54 -10.68
N LEU B 60 0.63 17.22 -9.75
CA LEU B 60 0.87 17.45 -8.33
C LEU B 60 0.57 16.12 -7.66
N LYS B 61 1.59 15.51 -7.03
CA LYS B 61 1.42 14.22 -6.36
C LYS B 61 1.15 14.39 -4.87
N THR B 62 0.08 13.75 -4.40
CA THR B 62 -0.29 13.87 -3.00
C THR B 62 -0.25 12.55 -2.24
N HIS B 63 -0.11 12.69 -0.93
CA HIS B 63 -0.14 11.58 0.02
C HIS B 63 -1.17 12.09 1.05
N VAL B 64 -2.46 12.00 0.71
CA VAL B 64 -3.53 12.46 1.59
C VAL B 64 -3.51 11.90 3.01
N ASP B 65 -2.98 10.69 3.16
CA ASP B 65 -2.95 10.06 4.47
C ASP B 65 -1.86 10.65 5.37
N ILE B 66 -1.17 11.67 4.87
CA ILE B 66 -0.11 12.34 5.63
C ILE B 66 -0.58 13.76 5.97
N LEU B 67 -1.73 14.16 5.43
CA LEU B 67 -2.29 15.49 5.71
C LEU B 67 -3.03 15.44 7.05
N ASN B 68 -2.51 16.16 8.04
CA ASN B 68 -3.10 16.20 9.37
C ASN B 68 -4.51 16.78 9.40
N ASP B 69 -4.79 17.72 8.50
CA ASP B 69 -6.11 18.34 8.44
C ASP B 69 -6.88 18.14 7.15
N PHE B 70 -6.87 16.91 6.64
CA PHE B 70 -7.59 16.60 5.41
C PHE B 70 -9.12 16.65 5.51
N THR B 71 -9.73 17.23 4.49
CA THR B 71 -11.19 17.32 4.36
C THR B 71 -11.40 17.33 2.86
N LEU B 72 -12.62 17.08 2.42
CA LEU B 72 -12.90 17.08 0.98
C LEU B 72 -12.92 18.51 0.46
N ASP B 73 -13.11 19.47 1.35
CA ASP B 73 -13.12 20.86 0.93
C ASP B 73 -11.72 21.26 0.48
N VAL B 74 -10.72 20.66 1.11
CA VAL B 74 -9.33 20.92 0.74
C VAL B 74 -9.11 20.45 -0.69
N MET B 75 -9.55 19.22 -0.99
CA MET B 75 -9.39 18.65 -2.31
C MET B 75 -10.18 19.45 -3.32
N LYS B 76 -11.32 19.96 -2.86
CA LYS B 76 -12.19 20.78 -3.70
C LYS B 76 -11.38 21.99 -4.19
N GLU B 77 -10.71 22.65 -3.26
CA GLU B 77 -9.89 23.82 -3.58
C GLU B 77 -8.66 23.44 -4.39
N LEU B 78 -8.07 22.28 -4.11
CA LEU B 78 -6.91 21.82 -4.87
C LEU B 78 -7.33 21.61 -6.33
N ILE B 79 -8.55 21.10 -6.52
CA ILE B 79 -9.05 20.85 -7.87
C ILE B 79 -9.23 22.18 -8.60
N THR B 80 -9.72 23.18 -7.88
CA THR B 80 -9.90 24.50 -8.47
C THR B 80 -8.55 24.99 -9.01
N LEU B 81 -7.50 24.75 -8.22
CA LEU B 81 -6.15 25.17 -8.59
C LEU B 81 -5.62 24.39 -9.79
N ALA B 82 -5.84 23.08 -9.76
CA ALA B 82 -5.40 22.19 -10.85
C ALA B 82 -6.06 22.62 -12.16
N LYS B 83 -7.31 23.04 -12.09
CA LYS B 83 -8.02 23.48 -13.29
C LYS B 83 -7.48 24.85 -13.74
N CYS B 84 -7.22 25.72 -12.77
CA CYS B 84 -6.72 27.06 -13.07
C CYS B 84 -5.35 27.05 -13.73
N HIS B 85 -4.37 26.43 -13.06
CA HIS B 85 -3.00 26.39 -13.57
C HIS B 85 -2.76 25.29 -14.58
N GLU B 86 -3.71 24.37 -14.67
CA GLU B 86 -3.60 23.26 -15.60
C GLU B 86 -2.55 22.23 -15.24
N PHE B 87 -2.89 21.34 -14.30
CA PHE B 87 -2.02 20.24 -13.88
C PHE B 87 -2.89 19.12 -13.30
N LEU B 88 -2.48 17.87 -13.51
CA LEU B 88 -3.25 16.73 -12.98
C LEU B 88 -2.92 16.49 -11.50
N ILE B 89 -3.86 15.86 -10.80
CA ILE B 89 -3.68 15.50 -9.39
C ILE B 89 -3.47 14.00 -9.30
N PHE B 90 -2.29 13.61 -8.83
CA PHE B 90 -1.93 12.20 -8.68
C PHE B 90 -1.76 11.80 -7.22
N GLU B 91 -2.65 10.93 -6.73
CA GLU B 91 -2.54 10.45 -5.35
C GLU B 91 -1.72 9.16 -5.30
N ASP B 92 -0.57 9.28 -4.66
CA ASP B 92 0.38 8.19 -4.49
C ASP B 92 -0.12 7.22 -3.41
N ARG B 93 -1.24 6.56 -3.69
CA ARG B 93 -1.85 5.63 -2.75
C ARG B 93 -1.25 4.22 -2.78
N LYS B 94 -0.54 3.91 -3.86
CA LYS B 94 0.09 2.61 -4.02
C LYS B 94 -0.83 1.47 -3.56
N PHE B 95 -1.94 1.29 -4.28
CA PHE B 95 -2.89 0.23 -3.97
C PHE B 95 -2.12 -1.09 -4.17
N ALA B 96 -2.27 -2.04 -3.25
CA ALA B 96 -1.55 -3.31 -3.36
C ALA B 96 -2.26 -4.46 -2.63
N ASP B 97 -3.57 -4.56 -2.79
CA ASP B 97 -4.35 -5.62 -2.13
C ASP B 97 -5.20 -6.30 -3.21
N ILE B 98 -6.03 -7.25 -2.78
CA ILE B 98 -6.91 -7.95 -3.70
C ILE B 98 -7.96 -6.96 -4.24
N GLY B 99 -8.46 -7.23 -5.44
CA GLY B 99 -9.44 -6.36 -6.05
C GLY B 99 -10.64 -5.95 -5.20
N ASN B 100 -11.33 -6.90 -4.56
CA ASN B 100 -12.49 -6.54 -3.75
C ASN B 100 -12.16 -5.48 -2.69
N THR B 101 -10.91 -5.47 -2.25
CA THR B 101 -10.50 -4.48 -1.24
C THR B 101 -10.10 -3.12 -1.85
N VAL B 102 -9.18 -3.12 -2.81
CA VAL B 102 -8.74 -1.86 -3.40
C VAL B 102 -9.88 -1.00 -3.96
N LYS B 103 -10.94 -1.63 -4.46
CA LYS B 103 -12.06 -0.86 -5.02
C LYS B 103 -12.80 -0.06 -3.95
N LYS B 104 -12.78 -0.57 -2.73
CA LYS B 104 -13.42 0.11 -1.60
C LYS B 104 -12.53 1.27 -1.13
N GLN B 105 -11.23 0.99 -1.04
CA GLN B 105 -10.23 1.96 -0.60
C GLN B 105 -10.08 3.08 -1.64
N TYR B 106 -10.45 2.79 -2.88
CA TYR B 106 -10.35 3.77 -3.97
C TYR B 106 -11.60 4.63 -4.04
N GLU B 107 -12.73 4.03 -3.72
CA GLU B 107 -14.00 4.74 -3.77
C GLU B 107 -14.45 5.40 -2.49
N GLY B 108 -14.43 4.65 -1.40
CA GLY B 108 -14.93 5.22 -0.16
C GLY B 108 -13.98 5.70 0.90
N GLY B 109 -14.35 5.42 2.15
CA GLY B 109 -13.55 5.87 3.29
C GLY B 109 -13.69 7.37 3.40
N ILE B 110 -12.88 7.98 4.24
CA ILE B 110 -12.92 9.42 4.43
C ILE B 110 -12.32 10.17 3.25
N PHE B 111 -11.35 9.55 2.58
CA PHE B 111 -10.67 10.19 1.46
C PHE B 111 -11.42 10.23 0.13
N LYS B 112 -12.25 9.22 -0.12
CA LYS B 112 -12.99 9.13 -1.37
C LYS B 112 -12.07 9.59 -2.50
N ILE B 113 -10.90 8.97 -2.56
CA ILE B 113 -9.85 9.27 -3.55
C ILE B 113 -10.32 9.41 -5.00
N ALA B 114 -11.12 8.46 -5.46
CA ALA B 114 -11.62 8.46 -6.84
C ALA B 114 -12.34 9.75 -7.24
N SER B 115 -12.98 10.40 -6.27
CA SER B 115 -13.72 11.64 -6.54
C SER B 115 -12.88 12.87 -6.91
N TRP B 116 -11.60 12.91 -6.51
CA TRP B 116 -10.74 14.06 -6.82
C TRP B 116 -9.39 13.74 -7.46
N ALA B 117 -9.00 12.46 -7.46
CA ALA B 117 -7.73 12.06 -8.05
C ALA B 117 -7.84 11.72 -9.53
N ASP B 118 -7.05 12.41 -10.34
CA ASP B 118 -7.02 12.17 -11.78
C ASP B 118 -6.35 10.84 -12.00
N LEU B 119 -5.25 10.62 -11.28
CA LEU B 119 -4.46 9.39 -11.35
C LEU B 119 -4.17 8.82 -9.96
N VAL B 120 -3.88 7.52 -9.94
CA VAL B 120 -3.52 6.79 -8.74
C VAL B 120 -2.58 5.70 -9.24
N ASN B 121 -1.81 5.09 -8.35
CA ASN B 121 -0.91 4.03 -8.77
C ASN B 121 -1.21 2.74 -8.03
N ALA B 122 -0.54 1.67 -8.42
CA ALA B 122 -0.79 0.38 -7.79
C ALA B 122 0.41 -0.53 -7.97
N HIS B 123 0.68 -1.36 -6.97
CA HIS B 123 1.76 -2.33 -7.04
C HIS B 123 1.14 -3.51 -7.76
N VAL B 124 1.96 -4.25 -8.49
CA VAL B 124 1.48 -5.39 -9.27
C VAL B 124 1.63 -6.73 -8.56
N VAL B 125 2.24 -6.72 -7.38
CA VAL B 125 2.45 -7.95 -6.62
C VAL B 125 1.18 -8.77 -6.31
N PRO B 126 0.01 -8.10 -6.15
CA PRO B 126 -1.18 -8.89 -5.85
C PRO B 126 -1.74 -9.61 -7.09
N GLY B 127 -1.30 -9.20 -8.27
CA GLY B 127 -1.79 -9.79 -9.50
C GLY B 127 -2.71 -8.80 -10.16
N SER B 128 -3.13 -9.09 -11.39
CA SER B 128 -4.00 -8.19 -12.16
C SER B 128 -5.29 -7.79 -11.45
N GLY B 129 -5.70 -8.61 -10.47
CA GLY B 129 -6.91 -8.33 -9.73
C GLY B 129 -6.92 -6.97 -9.07
N VAL B 130 -5.74 -6.43 -8.81
CA VAL B 130 -5.61 -5.11 -8.17
C VAL B 130 -6.05 -4.05 -9.17
N VAL B 131 -5.74 -4.28 -10.45
CA VAL B 131 -6.12 -3.37 -11.53
C VAL B 131 -7.62 -3.47 -11.81
N LYS B 132 -8.15 -4.69 -11.75
CA LYS B 132 -9.56 -4.92 -12.01
C LYS B 132 -10.48 -4.20 -11.01
N GLY B 133 -10.19 -4.30 -9.72
CA GLY B 133 -11.00 -3.64 -8.71
C GLY B 133 -10.98 -2.13 -8.85
N LEU B 134 -9.80 -1.56 -9.11
CA LEU B 134 -9.67 -0.12 -9.27
C LEU B 134 -10.44 0.31 -10.53
N GLN B 135 -10.30 -0.49 -11.57
CA GLN B 135 -10.96 -0.23 -12.86
C GLN B 135 -12.49 -0.06 -12.71
N GLU B 136 -13.11 -0.86 -11.86
CA GLU B 136 -14.55 -0.79 -11.67
C GLU B 136 -14.98 0.58 -11.16
N VAL B 137 -14.10 1.24 -10.42
CA VAL B 137 -14.39 2.56 -9.87
C VAL B 137 -13.91 3.66 -10.80
N GLY B 138 -12.70 3.50 -11.35
CA GLY B 138 -12.13 4.54 -12.21
C GLY B 138 -12.56 4.70 -13.66
N LEU B 139 -12.97 3.62 -14.32
CA LEU B 139 -13.36 3.72 -15.72
C LEU B 139 -14.45 4.74 -16.07
N PRO B 140 -15.57 4.75 -15.31
CA PRO B 140 -16.63 5.72 -15.63
C PRO B 140 -16.28 7.17 -15.34
N LEU B 141 -15.35 7.38 -14.42
CA LEU B 141 -14.91 8.73 -14.05
C LEU B 141 -13.77 9.24 -14.93
N HIS B 142 -13.37 8.40 -15.88
CA HIS B 142 -12.28 8.73 -16.79
C HIS B 142 -10.95 8.91 -16.06
N ARG B 143 -10.74 8.11 -15.02
CA ARG B 143 -9.50 8.17 -14.25
C ARG B 143 -8.46 7.25 -14.88
N GLY B 144 -7.22 7.40 -14.44
CA GLY B 144 -6.12 6.60 -14.96
C GLY B 144 -5.34 5.94 -13.83
N CYS B 145 -4.57 4.91 -14.18
CA CYS B 145 -3.78 4.19 -13.21
C CYS B 145 -2.35 3.97 -13.70
N LEU B 146 -1.42 4.14 -12.78
CA LEU B 146 0.00 3.97 -13.06
C LEU B 146 0.44 2.71 -12.32
N LEU B 147 1.14 1.82 -13.01
CA LEU B 147 1.61 0.58 -12.38
C LEU B 147 3.06 0.78 -11.96
N ILE B 148 3.36 0.43 -10.70
CA ILE B 148 4.70 0.55 -10.16
C ILE B 148 5.54 -0.63 -10.68
N ALA B 149 6.29 -0.36 -11.75
CA ALA B 149 7.14 -1.36 -12.42
C ALA B 149 8.50 -1.48 -11.74
N GLU B 150 9.02 -0.34 -11.31
CA GLU B 150 10.30 -0.26 -10.64
C GLU B 150 10.19 0.70 -9.45
N MET B 151 11.17 0.64 -8.57
CA MET B 151 11.19 1.53 -7.41
C MET B 151 12.58 2.15 -7.33
N SER B 152 12.68 3.30 -6.68
CA SER B 152 13.91 4.06 -6.53
C SER B 152 14.79 3.71 -5.33
N SER B 153 14.25 2.95 -4.39
CA SER B 153 14.98 2.60 -3.18
C SER B 153 15.90 1.37 -3.21
N THR B 154 16.96 1.42 -2.40
CA THR B 154 17.94 0.34 -2.31
C THR B 154 17.26 -0.94 -1.85
N GLY B 155 17.52 -2.03 -2.57
CA GLY B 155 16.93 -3.30 -2.21
C GLY B 155 15.58 -3.58 -2.84
N SER B 156 15.14 -2.69 -3.73
CA SER B 156 13.86 -2.85 -4.41
C SER B 156 13.79 -4.22 -5.10
N LEU B 157 12.64 -4.88 -4.98
CA LEU B 157 12.41 -6.21 -5.57
C LEU B 157 11.65 -6.08 -6.87
N ALA B 158 11.38 -4.85 -7.28
CA ALA B 158 10.66 -4.55 -8.52
C ALA B 158 11.67 -4.58 -9.68
N THR B 159 12.16 -5.78 -10.01
CA THR B 159 13.13 -5.97 -11.08
C THR B 159 12.90 -7.22 -11.92
N GLY B 160 13.73 -7.38 -12.95
CA GLY B 160 13.66 -8.53 -13.84
C GLY B 160 12.28 -8.95 -14.28
N ASP B 161 11.87 -10.16 -13.90
CA ASP B 161 10.56 -10.65 -14.28
C ASP B 161 9.42 -9.83 -13.68
N TYR B 162 9.65 -9.28 -12.49
CA TYR B 162 8.64 -8.47 -11.81
C TYR B 162 8.27 -7.28 -12.69
N THR B 163 9.28 -6.54 -13.11
CA THR B 163 9.07 -5.38 -13.97
C THR B 163 8.39 -5.81 -15.27
N ARG B 164 8.78 -6.97 -15.80
CA ARG B 164 8.21 -7.50 -17.03
C ARG B 164 6.72 -7.77 -16.81
N ALA B 165 6.38 -8.31 -15.65
CA ALA B 165 5.00 -8.60 -15.32
C ALA B 165 4.20 -7.31 -15.17
N ALA B 166 4.85 -6.24 -14.73
CA ALA B 166 4.15 -4.96 -14.57
C ALA B 166 3.76 -4.46 -15.95
N VAL B 167 4.69 -4.53 -16.89
CA VAL B 167 4.45 -4.07 -18.25
C VAL B 167 3.35 -4.89 -18.95
N ARG B 168 3.37 -6.21 -18.78
CA ARG B 168 2.36 -7.07 -19.39
C ARG B 168 0.97 -6.66 -18.90
N MET B 169 0.85 -6.43 -17.61
CA MET B 169 -0.42 -6.07 -17.00
C MET B 169 -0.95 -4.74 -17.51
N ALA B 170 -0.08 -3.73 -17.63
CA ALA B 170 -0.48 -2.42 -18.12
C ALA B 170 -1.00 -2.57 -19.55
N GLU B 171 -0.26 -3.31 -20.36
CA GLU B 171 -0.63 -3.54 -21.75
C GLU B 171 -1.91 -4.35 -21.88
N GLU B 172 -2.23 -5.13 -20.86
CA GLU B 172 -3.44 -5.95 -20.87
C GLU B 172 -4.67 -5.19 -20.35
N HIS B 173 -4.44 -4.02 -19.76
CA HIS B 173 -5.54 -3.20 -19.24
C HIS B 173 -5.36 -1.76 -19.66
N SER B 174 -4.91 -1.56 -20.90
CA SER B 174 -4.67 -0.23 -21.46
C SER B 174 -5.90 0.68 -21.44
N GLU B 175 -7.06 0.10 -21.12
CA GLU B 175 -8.29 0.85 -21.06
C GLU B 175 -8.35 1.70 -19.79
N PHE B 176 -7.50 1.38 -18.82
CA PHE B 176 -7.46 2.09 -17.55
C PHE B 176 -6.04 2.43 -17.08
N VAL B 177 -5.09 1.59 -17.46
CA VAL B 177 -3.68 1.77 -17.09
C VAL B 177 -2.99 2.68 -18.12
N VAL B 178 -2.62 3.89 -17.70
CA VAL B 178 -2.01 4.87 -18.60
C VAL B 178 -0.48 4.98 -18.58
N GLY B 179 0.18 4.26 -17.68
CA GLY B 179 1.62 4.35 -17.62
C GLY B 179 2.25 3.65 -16.44
N PHE B 180 3.50 4.04 -16.15
CA PHE B 180 4.26 3.42 -15.07
C PHE B 180 5.01 4.38 -14.16
N ILE B 181 5.42 3.82 -13.04
CA ILE B 181 6.27 4.50 -12.06
C ILE B 181 7.50 3.62 -12.23
N SER B 182 8.55 4.18 -12.80
CA SER B 182 9.77 3.44 -13.06
C SER B 182 11.01 4.33 -13.04
N GLY B 183 12.18 3.72 -13.09
CA GLY B 183 13.41 4.50 -13.08
C GLY B 183 13.86 4.83 -14.50
N SER B 184 13.17 4.24 -15.47
CA SER B 184 13.47 4.45 -16.88
C SER B 184 12.37 3.87 -17.75
N ARG B 185 12.49 4.06 -19.06
CA ARG B 185 11.52 3.54 -20.01
C ARG B 185 11.47 2.00 -19.94
N VAL B 186 10.28 1.47 -19.66
CA VAL B 186 10.11 0.04 -19.58
C VAL B 186 9.21 -0.50 -20.69
N SER B 187 8.54 0.40 -21.39
CA SER B 187 7.65 0.03 -22.50
C SER B 187 8.02 0.91 -23.67
N MET B 188 7.91 0.34 -24.86
CA MET B 188 8.22 1.06 -26.09
C MET B 188 6.96 1.63 -26.72
N LYS B 189 5.81 1.32 -26.14
CA LYS B 189 4.54 1.83 -26.66
C LYS B 189 4.39 3.28 -26.21
N PRO B 190 4.48 4.23 -27.15
CA PRO B 190 4.37 5.67 -26.91
C PRO B 190 3.11 6.20 -26.22
N GLU B 191 2.10 5.35 -26.07
CA GLU B 191 0.88 5.80 -25.41
C GLU B 191 1.05 5.71 -23.90
N PHE B 192 2.05 4.97 -23.47
CA PHE B 192 2.35 4.77 -22.05
C PHE B 192 3.31 5.79 -21.46
N LEU B 193 2.88 6.42 -20.36
CA LEU B 193 3.67 7.41 -19.65
C LEU B 193 4.69 6.76 -18.71
N HIS B 194 5.78 7.46 -18.45
CA HIS B 194 6.80 6.97 -17.55
C HIS B 194 7.12 8.09 -16.57
N LEU B 195 6.77 7.88 -15.31
CA LEU B 195 7.02 8.85 -14.23
C LEU B 195 8.13 8.33 -13.32
N THR B 196 9.12 9.15 -13.05
CA THR B 196 10.24 8.72 -12.22
C THR B 196 10.49 9.51 -10.94
N PRO B 197 10.41 8.83 -9.79
CA PRO B 197 10.65 9.43 -8.47
C PRO B 197 12.12 9.19 -8.14
N GLY B 198 12.62 9.71 -7.02
CA GLY B 198 14.02 9.53 -6.69
C GLY B 198 14.86 10.37 -7.63
N VAL B 199 14.53 11.67 -7.64
CA VAL B 199 15.18 12.63 -8.50
C VAL B 199 15.56 13.91 -7.76
N GLN B 200 16.79 14.35 -8.01
CA GLN B 200 17.34 15.57 -7.45
C GLN B 200 18.50 15.88 -8.37
N LEU B 201 18.78 17.16 -8.55
CA LEU B 201 19.86 17.57 -9.42
C LEU B 201 21.20 16.88 -9.17
N GLU B 202 21.33 16.28 -8.01
CA GLU B 202 22.53 15.58 -7.55
C GLU B 202 22.84 14.21 -8.16
N ALA B 203 22.52 13.24 -7.31
CA ALA B 203 22.73 11.81 -7.49
C ALA B 203 23.19 11.59 -6.02
N GLY B 204 22.31 11.08 -5.17
CA GLY B 204 22.68 10.86 -3.77
C GLY B 204 21.60 10.03 -3.11
N GLY B 205 21.22 10.44 -1.90
CA GLY B 205 20.17 9.70 -1.20
C GLY B 205 19.88 10.12 0.23
N ASP B 206 18.96 9.42 0.90
CA ASP B 206 18.61 9.71 2.29
C ASP B 206 19.05 8.55 3.20
N ASN B 207 18.83 8.69 4.50
CA ASN B 207 19.23 7.67 5.45
C ASN B 207 18.27 6.50 5.52
N LEU B 208 17.21 6.52 4.71
CA LEU B 208 16.21 5.46 4.73
C LEU B 208 15.96 4.77 3.38
N GLY B 209 17.03 4.50 2.65
CA GLY B 209 16.92 3.81 1.37
C GLY B 209 16.74 4.58 0.06
N GLN B 210 16.26 5.82 0.12
CA GLN B 210 16.06 6.56 -1.11
C GLN B 210 17.37 6.79 -1.87
N GLN B 211 17.29 6.74 -3.20
CA GLN B 211 18.45 6.97 -4.06
C GLN B 211 18.06 8.04 -5.09
N TYR B 212 19.00 8.95 -5.40
CA TYR B 212 18.72 10.02 -6.35
C TYR B 212 19.55 10.00 -7.64
N ASN B 213 18.92 10.50 -8.69
CA ASN B 213 19.53 10.62 -10.01
C ASN B 213 19.05 11.94 -10.57
N SER B 214 19.76 12.50 -11.54
CA SER B 214 19.37 13.79 -12.09
C SER B 214 18.33 13.72 -13.20
N PRO B 215 17.67 14.86 -13.48
CA PRO B 215 16.65 14.95 -14.53
C PRO B 215 17.27 14.53 -15.87
N GLN B 216 18.49 14.99 -16.11
CA GLN B 216 19.20 14.69 -17.35
C GLN B 216 19.34 13.17 -17.51
N GLU B 217 19.70 12.51 -16.43
CA GLU B 217 19.91 11.06 -16.40
C GLU B 217 18.63 10.24 -16.59
N VAL B 218 17.60 10.61 -15.85
CA VAL B 218 16.34 9.92 -15.89
C VAL B 218 15.54 10.17 -17.15
N ILE B 219 15.41 11.44 -17.53
CA ILE B 219 14.66 11.82 -18.72
C ILE B 219 15.47 11.59 -19.98
N GLY B 220 16.65 12.21 -20.03
CA GLY B 220 17.51 12.10 -21.20
C GLY B 220 18.17 10.76 -21.50
N LYS B 221 18.91 10.21 -20.55
CA LYS B 221 19.60 8.94 -20.75
C LYS B 221 18.70 7.71 -20.59
N ARG B 222 17.85 7.73 -19.58
CA ARG B 222 16.97 6.60 -19.31
C ARG B 222 15.63 6.58 -20.05
N GLY B 223 15.29 7.69 -20.71
CA GLY B 223 14.07 7.75 -21.48
C GLY B 223 12.73 7.84 -20.76
N SER B 224 12.75 8.38 -19.55
CA SER B 224 11.52 8.55 -18.78
C SER B 224 10.84 9.83 -19.29
N ASP B 225 9.57 10.03 -18.94
CA ASP B 225 8.85 11.21 -19.41
C ASP B 225 8.76 12.35 -18.41
N ILE B 226 8.41 11.99 -17.18
CA ILE B 226 8.22 12.95 -16.11
C ILE B 226 9.02 12.65 -14.85
N ILE B 227 9.57 13.70 -14.23
CA ILE B 227 10.32 13.52 -12.99
C ILE B 227 9.41 13.85 -11.80
N ILE B 228 9.46 13.01 -10.77
CA ILE B 228 8.69 13.23 -9.56
C ILE B 228 9.71 13.70 -8.52
N VAL B 229 9.59 14.97 -8.13
CA VAL B 229 10.52 15.56 -7.18
C VAL B 229 9.84 16.01 -5.90
N GLY B 230 10.39 15.59 -4.77
CA GLY B 230 9.82 15.98 -3.50
C GLY B 230 10.74 16.93 -2.74
N ARG B 231 11.57 16.35 -1.88
CA ARG B 231 12.51 17.12 -1.07
C ARG B 231 13.43 18.05 -1.83
N GLY B 232 13.82 17.68 -3.06
CA GLY B 232 14.69 18.52 -3.86
C GLY B 232 14.10 19.91 -4.09
N ILE B 233 12.80 20.04 -3.87
CA ILE B 233 12.09 21.31 -4.05
C ILE B 233 11.51 21.78 -2.73
N ILE B 234 10.79 20.86 -2.08
CA ILE B 234 10.12 21.13 -0.81
C ILE B 234 11.03 21.67 0.28
N SER B 235 12.25 21.14 0.37
CA SER B 235 13.20 21.59 1.38
C SER B 235 13.86 22.94 1.08
N ALA B 236 13.70 23.41 -0.15
CA ALA B 236 14.28 24.69 -0.54
C ALA B 236 13.62 25.86 0.19
N ALA B 237 14.33 26.97 0.32
CA ALA B 237 13.77 28.16 0.98
C ALA B 237 12.70 28.72 0.06
N ASP B 238 13.05 28.84 -1.21
CA ASP B 238 12.14 29.33 -2.24
C ASP B 238 11.79 28.15 -3.14
N ARG B 239 10.63 27.55 -2.88
CA ARG B 239 10.18 26.41 -3.64
C ARG B 239 9.86 26.68 -5.10
N LEU B 240 9.34 27.86 -5.39
CA LEU B 240 9.01 28.22 -6.77
C LEU B 240 10.27 28.22 -7.64
N GLU B 241 11.31 28.90 -7.17
CA GLU B 241 12.58 28.98 -7.88
C GLU B 241 13.14 27.57 -8.05
N ALA B 242 12.91 26.74 -7.03
CA ALA B 242 13.38 25.36 -7.05
C ALA B 242 12.63 24.56 -8.09
N ALA B 243 11.32 24.77 -8.17
CA ALA B 243 10.45 24.09 -9.12
C ALA B 243 10.82 24.49 -10.54
N GLU B 244 11.09 25.78 -10.72
CA GLU B 244 11.48 26.30 -12.02
C GLU B 244 12.82 25.72 -12.46
N MET B 245 13.68 25.47 -11.49
CA MET B 245 14.99 24.91 -11.77
C MET B 245 14.83 23.48 -12.28
N TYR B 246 14.01 22.69 -11.58
CA TYR B 246 13.77 21.31 -11.97
C TYR B 246 12.97 21.22 -13.25
N ARG B 247 12.13 22.22 -13.52
CA ARG B 247 11.31 22.23 -14.73
C ARG B 247 12.16 22.35 -15.98
N LYS B 248 13.08 23.32 -15.98
CA LYS B 248 13.96 23.55 -17.12
C LYS B 248 14.91 22.38 -17.32
N ALA B 249 15.34 21.79 -16.22
CA ALA B 249 16.26 20.66 -16.26
C ALA B 249 15.64 19.45 -16.97
N ALA B 250 14.43 19.11 -16.56
CA ALA B 250 13.71 17.98 -17.12
C ALA B 250 13.18 18.24 -18.53
N TRP B 251 12.78 19.49 -18.82
CA TRP B 251 12.28 19.80 -20.16
C TRP B 251 13.40 19.75 -21.20
N GLU B 252 14.54 20.31 -20.85
CA GLU B 252 15.70 20.32 -21.74
C GLU B 252 16.25 18.92 -21.94
N ALA B 253 16.12 18.08 -20.92
CA ALA B 253 16.58 16.70 -21.00
C ALA B 253 15.72 15.99 -22.04
N TYR B 254 14.45 16.38 -22.05
CA TYR B 254 13.44 15.85 -22.97
C TYR B 254 13.69 16.34 -24.39
N LEU B 255 13.88 17.65 -24.54
CA LEU B 255 14.13 18.26 -25.83
C LEU B 255 15.35 17.66 -26.52
N SER B 256 16.28 17.14 -25.71
CA SER B 256 17.51 16.54 -26.23
C SER B 256 17.32 15.21 -26.94
N ARG B 257 16.56 14.30 -26.34
CA ARG B 257 16.32 13.01 -26.97
C ARG B 257 15.31 13.11 -28.10
N LEU B 258 14.50 14.16 -28.04
CA LEU B 258 13.48 14.40 -29.06
C LEU B 258 14.22 14.66 -30.37
N GLY B 259 15.39 15.29 -30.25
CA GLY B 259 16.18 15.59 -31.43
C GLY B 259 15.66 16.83 -32.12
#